data_7ZM4
#
_entry.id   7ZM4
#
_cell.length_a   76.684
_cell.length_b   87.224
_cell.length_c   105.725
_cell.angle_alpha   90.000
_cell.angle_beta   90.000
_cell.angle_gamma   90.000
#
_symmetry.space_group_name_H-M   'P 2 2 21'
#
loop_
_entity.id
_entity.type
_entity.pdbx_description
1 polymer '4,5:9,10-diseco-3-hydroxy-5,9,17-trioxoandrosta-1(10),2-diene-4-oate hydrolase'
2 non-polymer 'undecyl dihydrogen phosphate'
3 non-polymer 'SULFATE ION'
4 water water
#
_entity_poly.entity_id   1
_entity_poly.type   'polypeptide(L)'
_entity_poly.pdbx_seq_one_letter_code
;MTATEELTFESTSRFAEVDVDGPLKLHYHEAGVGNDQTVVLLHGGGPGAASWTNFSRNIAVLARHFHVLAVDQPGYGHSD
KRAEHGQFNRYAAMALKGLFDQLGLGRVPLVGNSLGGGTAVRFALDYPARAGRLVLMGPGGLSINLFAPDPTEGVKRLSK
FSVAPTRENLEAFLRVMVYDKNLITPELVDQRFALASTPESLTATRAMGKSFAGADFEAGMMWREVYRLRQPVLLIWGRE
DRVNPLDGALVALKTIPRAQLHVFGQCGHWVQVEKFDEFNKLTIEFLGGGRKLHHHHHH
;
_entity_poly.pdbx_strand_id   A,B
#
# COMPACT_ATOMS: atom_id res chain seq x y z
N LEU A 7 -15.55 15.12 19.69
CA LEU A 7 -14.06 15.13 19.45
C LEU A 7 -13.48 16.45 19.95
N THR A 8 -12.50 16.39 20.86
CA THR A 8 -11.73 17.57 21.34
C THR A 8 -10.24 17.33 21.11
N PHE A 9 -9.45 18.41 21.11
CA PHE A 9 -7.96 18.36 21.16
C PHE A 9 -7.51 17.32 22.20
N GLU A 10 -8.08 17.39 23.41
CA GLU A 10 -7.66 16.57 24.58
C GLU A 10 -8.10 15.11 24.40
N SER A 11 -9.32 14.87 23.93
CA SER A 11 -9.89 13.50 23.80
C SER A 11 -9.12 12.72 22.72
N THR A 12 -8.62 13.42 21.69
CA THR A 12 -7.96 12.79 20.51
C THR A 12 -6.45 12.73 20.69
N SER A 13 -5.89 13.49 21.65
CA SER A 13 -4.42 13.66 21.84
C SER A 13 -3.74 12.33 22.14
N ARG A 14 -2.63 12.06 21.46
CA ARG A 14 -1.81 10.85 21.67
C ARG A 14 -0.33 11.22 21.56
N PHE A 15 0.53 10.43 22.20
CA PHE A 15 1.99 10.57 22.08
C PHE A 15 2.57 9.21 21.70
N ALA A 16 3.65 9.24 20.96
CA ALA A 16 4.52 8.08 20.66
C ALA A 16 5.96 8.54 20.80
N GLU A 17 6.84 7.59 21.12
CA GLU A 17 8.30 7.82 21.09
C GLU A 17 8.88 6.89 20.02
N VAL A 18 9.51 7.48 19.00
CA VAL A 18 10.13 6.74 17.87
C VAL A 18 11.63 7.04 17.86
N ASP A 19 12.41 6.20 17.19
CA ASP A 19 13.89 6.34 17.11
C ASP A 19 14.25 6.99 15.77
N VAL A 20 14.66 8.27 15.80
CA VAL A 20 15.14 9.03 14.61
C VAL A 20 16.49 9.67 14.97
N ASP A 21 17.61 9.00 14.69
CA ASP A 21 18.95 9.42 15.18
C ASP A 21 18.83 9.74 16.68
N GLY A 22 18.11 8.90 17.43
CA GLY A 22 17.83 9.06 18.88
C GLY A 22 16.34 9.20 19.17
N PRO A 23 15.91 9.08 20.45
CA PRO A 23 14.51 9.19 20.82
C PRO A 23 13.84 10.49 20.34
N LEU A 24 12.63 10.38 19.78
CA LEU A 24 11.83 11.51 19.23
C LEU A 24 10.38 11.38 19.69
N LYS A 25 9.90 12.37 20.45
CA LYS A 25 8.49 12.40 20.88
C LYS A 25 7.64 12.95 19.73
N LEU A 26 6.61 12.22 19.33
CA LEU A 26 5.59 12.64 18.35
C LEU A 26 4.25 12.78 19.04
N HIS A 27 3.60 13.91 18.83
CA HIS A 27 2.20 14.17 19.21
C HIS A 27 1.31 13.98 17.98
N TYR A 28 0.15 13.37 18.17
CA TYR A 28 -0.86 13.22 17.08
C TYR A 28 -2.26 13.18 17.68
N HIS A 29 -3.26 13.35 16.82
CA HIS A 29 -4.69 13.24 17.16
C HIS A 29 -5.27 12.02 16.47
N GLU A 30 -5.98 11.20 17.23
CA GLU A 30 -6.63 9.97 16.73
C GLU A 30 -8.13 10.13 16.85
N ALA A 31 -8.85 9.83 15.77
CA ALA A 31 -10.33 9.83 15.74
C ALA A 31 -10.83 8.78 14.74
N GLY A 32 -12.11 8.40 14.87
CA GLY A 32 -12.75 7.39 14.00
C GLY A 32 -12.18 6.00 14.20
N VAL A 33 -11.83 5.64 15.44
CA VAL A 33 -11.18 4.33 15.78
C VAL A 33 -12.04 3.15 15.32
N GLY A 34 -13.36 3.30 15.17
CA GLY A 34 -14.23 2.24 14.64
C GLY A 34 -13.96 1.91 13.17
N ASN A 35 -13.46 2.87 12.39
CA ASN A 35 -13.50 2.82 10.90
C ASN A 35 -12.31 2.02 10.37
N ASP A 36 -12.53 1.27 9.30
CA ASP A 36 -11.55 0.29 8.74
C ASP A 36 -10.39 1.02 8.05
N GLN A 37 -10.68 2.10 7.32
CA GLN A 37 -9.67 2.75 6.45
C GLN A 37 -8.93 3.82 7.29
N THR A 38 -7.65 3.60 7.57
CA THR A 38 -6.77 4.59 8.24
C THR A 38 -6.33 5.65 7.21
N VAL A 39 -6.25 6.92 7.61
CA VAL A 39 -5.69 8.01 6.77
C VAL A 39 -4.81 8.85 7.68
N VAL A 40 -3.63 9.24 7.21
CA VAL A 40 -2.70 10.11 7.97
C VAL A 40 -2.81 11.53 7.41
N LEU A 41 -2.93 12.52 8.29
CA LEU A 41 -3.01 13.96 7.92
C LEU A 41 -1.72 14.63 8.35
N LEU A 42 -1.10 15.39 7.45
CA LEU A 42 0.17 16.13 7.71
C LEU A 42 -0.05 17.61 7.40
N HIS A 43 0.08 18.45 8.42
CA HIS A 43 -0.24 19.88 8.35
C HIS A 43 0.85 20.70 7.63
N GLY A 44 0.50 21.94 7.31
CA GLY A 44 1.43 22.95 6.74
C GLY A 44 2.44 23.45 7.75
N GLY A 45 3.47 24.15 7.28
CA GLY A 45 4.68 24.42 8.09
C GLY A 45 4.82 25.88 8.49
N GLY A 46 3.77 26.69 8.34
CA GLY A 46 3.83 28.09 8.76
C GLY A 46 4.12 28.18 10.25
N PRO A 47 4.78 29.24 10.74
CA PRO A 47 5.05 29.37 12.18
C PRO A 47 3.78 29.27 13.03
N GLY A 48 3.85 28.42 14.07
CA GLY A 48 2.76 28.16 15.01
C GLY A 48 1.73 27.16 14.49
N ALA A 49 1.96 26.54 13.32
CA ALA A 49 1.01 25.54 12.78
C ALA A 49 1.06 24.28 13.66
N ALA A 50 -0.03 23.53 13.69
CA ALA A 50 -0.10 22.17 14.27
C ALA A 50 -1.29 21.44 13.65
N SER A 51 -1.46 20.16 13.96
CA SER A 51 -2.48 19.28 13.33
C SER A 51 -3.89 19.79 13.60
N TRP A 52 -4.25 19.99 14.87
CA TRP A 52 -5.64 20.29 15.26
C TRP A 52 -6.12 21.61 14.62
N THR A 53 -5.31 22.67 14.65
CA THR A 53 -5.66 23.99 14.06
C THR A 53 -5.64 23.94 12.52
N ASN A 54 -4.65 23.27 11.94
CA ASN A 54 -4.51 23.20 10.45
C ASN A 54 -5.76 22.52 9.88
N PHE A 55 -6.28 21.49 10.57
CA PHE A 55 -7.34 20.60 10.04
C PHE A 55 -8.63 20.72 10.87
N SER A 56 -8.83 21.87 11.53
CA SER A 56 -9.98 22.08 12.43
C SER A 56 -11.30 21.95 11.66
N ARG A 57 -11.35 22.31 10.36
CA ARG A 57 -12.58 22.21 9.55
C ARG A 57 -12.71 20.85 8.85
N ASN A 58 -11.79 19.91 9.11
CA ASN A 58 -11.70 18.64 8.36
C ASN A 58 -11.75 17.40 9.27
N ILE A 59 -11.15 17.42 10.47
CA ILE A 59 -10.89 16.17 11.26
C ILE A 59 -12.22 15.51 11.63
N ALA A 60 -13.21 16.27 12.13
CA ALA A 60 -14.52 15.71 12.53
C ALA A 60 -15.22 15.05 11.34
N VAL A 61 -15.23 15.73 10.19
CA VAL A 61 -15.92 15.24 8.97
C VAL A 61 -15.20 13.97 8.49
N LEU A 62 -13.87 13.99 8.41
CA LEU A 62 -13.10 12.82 7.93
C LEU A 62 -13.24 11.65 8.92
N ALA A 63 -13.31 11.91 10.22
CA ALA A 63 -13.42 10.87 11.28
C ALA A 63 -14.76 10.13 11.19
N ARG A 64 -15.78 10.67 10.49
CA ARG A 64 -17.05 9.94 10.25
C ARG A 64 -16.79 8.75 9.30
N HIS A 65 -15.76 8.84 8.46
CA HIS A 65 -15.52 7.87 7.35
C HIS A 65 -14.27 7.03 7.60
N PHE A 66 -13.26 7.61 8.22
CA PHE A 66 -11.88 7.07 8.29
C PHE A 66 -11.40 7.06 9.73
N HIS A 67 -10.42 6.22 9.98
CA HIS A 67 -9.59 6.23 11.21
C HIS A 67 -8.50 7.27 10.97
N VAL A 68 -8.65 8.45 11.55
CA VAL A 68 -7.79 9.63 11.26
C VAL A 68 -6.61 9.64 12.23
N LEU A 69 -5.40 9.76 11.70
CA LEU A 69 -4.17 10.02 12.49
C LEU A 69 -3.62 11.35 11.98
N ALA A 70 -3.82 12.43 12.74
CA ALA A 70 -3.32 13.78 12.38
C ALA A 70 -2.06 14.05 13.20
N VAL A 71 -0.90 14.03 12.54
CA VAL A 71 0.43 13.98 13.20
C VAL A 71 1.06 15.38 13.24
N ASP A 72 1.41 15.86 14.44
CA ASP A 72 2.23 17.09 14.57
C ASP A 72 3.61 16.74 14.05
N GLN A 73 4.05 17.38 12.97
CA GLN A 73 5.37 17.06 12.39
C GLN A 73 6.43 17.55 13.36
N PRO A 74 7.62 16.91 13.36
CA PRO A 74 8.72 17.36 14.22
C PRO A 74 8.94 18.86 14.06
N GLY A 75 9.10 19.57 15.18
CA GLY A 75 9.31 21.03 15.17
C GLY A 75 8.03 21.81 15.36
N TYR A 76 6.87 21.13 15.41
CA TYR A 76 5.52 21.76 15.47
C TYR A 76 4.69 21.16 16.60
N GLY A 77 3.76 21.97 17.12
CA GLY A 77 2.73 21.53 18.08
C GLY A 77 3.39 20.98 19.33
N HIS A 78 3.02 19.76 19.72
CA HIS A 78 3.56 19.07 20.92
C HIS A 78 4.57 17.98 20.54
N SER A 79 5.02 17.93 19.29
CA SER A 79 6.14 17.04 18.91
C SER A 79 7.48 17.67 19.31
N ASP A 80 8.54 16.86 19.42
CA ASP A 80 9.88 17.36 19.78
C ASP A 80 10.34 18.42 18.79
N LYS A 81 11.02 19.45 19.30
CA LYS A 81 11.56 20.58 18.50
C LYS A 81 13.08 20.58 18.64
N ARG A 82 13.76 19.68 17.94
CA ARG A 82 15.24 19.61 17.92
C ARG A 82 15.79 20.85 17.22
N ALA A 83 16.98 21.28 17.64
CA ALA A 83 17.71 22.43 17.06
C ALA A 83 18.49 21.97 15.83
N GLU A 84 18.73 20.66 15.71
CA GLU A 84 19.56 20.11 14.60
C GLU A 84 18.86 18.88 14.03
N HIS A 85 18.78 18.81 12.71
CA HIS A 85 18.22 17.65 11.98
C HIS A 85 18.62 17.78 10.51
N GLY A 86 18.37 16.74 9.71
CA GLY A 86 18.69 16.76 8.26
C GLY A 86 17.57 17.40 7.47
N GLN A 87 17.61 17.25 6.14
CA GLN A 87 16.57 17.73 5.19
C GLN A 87 15.18 17.48 5.80
N PHE A 88 14.36 18.52 5.94
CA PHE A 88 13.18 18.44 6.83
C PHE A 88 12.21 17.33 6.39
N ASN A 89 11.90 17.23 5.10
CA ASN A 89 10.83 16.29 4.69
C ASN A 89 11.32 14.85 4.93
N ARG A 90 12.61 14.60 4.72
CA ARG A 90 13.15 13.24 4.99
C ARG A 90 13.12 12.95 6.49
N TYR A 91 13.48 13.95 7.31
CA TYR A 91 13.42 13.88 8.79
C TYR A 91 12.00 13.54 9.24
N ALA A 92 11.02 14.33 8.78
CA ALA A 92 9.60 14.15 9.16
C ALA A 92 9.09 12.80 8.63
N ALA A 93 9.52 12.39 7.43
CA ALA A 93 9.09 11.11 6.84
C ALA A 93 9.64 9.94 7.68
N MET A 94 10.90 10.02 8.09
CA MET A 94 11.51 8.99 8.98
C MET A 94 10.72 8.87 10.29
N ALA A 95 10.33 9.99 10.89
CA ALA A 95 9.52 10.00 12.14
C ALA A 95 8.18 9.30 11.87
N LEU A 96 7.52 9.61 10.76
CA LEU A 96 6.22 9.01 10.42
C LEU A 96 6.39 7.50 10.21
N LYS A 97 7.47 7.10 9.55
CA LYS A 97 7.81 5.68 9.31
C LYS A 97 7.93 4.98 10.68
N GLY A 98 8.62 5.60 11.63
CA GLY A 98 8.74 5.08 12.99
C GLY A 98 7.36 4.86 13.59
N LEU A 99 6.43 5.81 13.41
CA LEU A 99 5.06 5.69 13.95
C LEU A 99 4.29 4.57 13.25
N PHE A 100 4.41 4.48 11.92
CA PHE A 100 3.75 3.40 11.12
C PHE A 100 4.13 2.05 11.73
N ASP A 101 5.42 1.84 11.95
CA ASP A 101 5.96 0.55 12.46
C ASP A 101 5.42 0.31 13.87
N GLN A 102 5.41 1.35 14.72
CA GLN A 102 4.92 1.20 16.12
C GLN A 102 3.43 0.82 16.12
N LEU A 103 2.62 1.42 15.23
CA LEU A 103 1.13 1.21 15.20
C LEU A 103 0.78 -0.02 14.36
N GLY A 104 1.75 -0.65 13.71
CA GLY A 104 1.57 -1.85 12.88
C GLY A 104 0.79 -1.55 11.60
N LEU A 105 0.98 -0.36 11.04
CA LEU A 105 0.33 0.02 9.76
C LEU A 105 1.04 -0.64 8.59
N GLY A 106 0.26 -1.01 7.57
CA GLY A 106 0.78 -1.56 6.31
C GLY A 106 0.89 -0.46 5.28
N ARG A 107 -0.11 -0.38 4.40
CA ARG A 107 -0.21 0.61 3.31
C ARG A 107 -1.37 1.56 3.64
N VAL A 108 -1.09 2.85 3.76
CA VAL A 108 -2.04 3.86 4.31
C VAL A 108 -2.01 5.10 3.41
N PRO A 109 -3.17 5.66 3.03
CA PRO A 109 -3.20 6.93 2.31
C PRO A 109 -2.79 8.11 3.21
N LEU A 110 -2.21 9.14 2.57
CA LEU A 110 -1.72 10.36 3.28
C LEU A 110 -2.34 11.60 2.64
N VAL A 111 -2.68 12.55 3.50
CA VAL A 111 -3.21 13.88 3.11
C VAL A 111 -2.25 14.92 3.68
N GLY A 112 -1.72 15.81 2.87
CA GLY A 112 -0.72 16.78 3.35
C GLY A 112 -0.81 18.10 2.64
N ASN A 113 -0.83 19.21 3.38
CA ASN A 113 -0.77 20.54 2.74
C ASN A 113 0.63 21.12 2.90
N SER A 114 1.09 21.80 1.86
CA SER A 114 2.36 22.56 1.86
C SER A 114 3.51 21.67 2.38
N LEU A 115 4.19 22.03 3.47
CA LEU A 115 5.34 21.24 3.97
C LEU A 115 4.88 19.80 4.25
N GLY A 116 3.67 19.62 4.78
CA GLY A 116 3.10 18.29 5.04
C GLY A 116 2.92 17.49 3.77
N GLY A 117 2.56 18.17 2.68
CA GLY A 117 2.52 17.56 1.35
C GLY A 117 3.90 17.07 0.93
N GLY A 118 4.92 17.90 1.15
CA GLY A 118 6.31 17.50 0.90
C GLY A 118 6.68 16.27 1.71
N THR A 119 6.31 16.24 2.99
CA THR A 119 6.59 15.08 3.86
C THR A 119 5.89 13.84 3.32
N ALA A 120 4.62 13.97 2.94
CA ALA A 120 3.83 12.84 2.39
C ALA A 120 4.54 12.27 1.16
N VAL A 121 5.00 13.15 0.27
CA VAL A 121 5.66 12.70 -0.98
C VAL A 121 6.99 12.03 -0.63
N ARG A 122 7.78 12.62 0.26
CA ARG A 122 9.10 12.04 0.62
C ARG A 122 8.88 10.65 1.22
N PHE A 123 7.84 10.52 2.05
CA PHE A 123 7.44 9.24 2.68
C PHE A 123 7.09 8.23 1.57
N ALA A 124 6.30 8.65 0.60
CA ALA A 124 5.81 7.79 -0.49
C ALA A 124 6.96 7.38 -1.42
N LEU A 125 8.00 8.19 -1.52
CA LEU A 125 9.20 7.85 -2.33
C LEU A 125 10.17 6.96 -1.55
N ASP A 126 10.38 7.22 -0.25
CA ASP A 126 11.39 6.52 0.58
C ASP A 126 10.86 5.16 1.06
N TYR A 127 9.55 5.05 1.31
CA TYR A 127 8.85 3.84 1.82
C TYR A 127 7.66 3.55 0.92
N PRO A 128 7.91 3.26 -0.37
CA PRO A 128 6.82 3.24 -1.36
C PRO A 128 5.68 2.25 -1.07
N ALA A 129 5.98 1.11 -0.44
CA ALA A 129 4.95 0.09 -0.13
C ALA A 129 4.02 0.54 0.99
N ARG A 130 4.40 1.58 1.77
CA ARG A 130 3.67 1.99 2.99
C ARG A 130 2.67 3.10 2.65
N ALA A 131 2.84 3.77 1.51
CA ALA A 131 1.97 4.89 1.12
C ALA A 131 0.92 4.43 0.12
N GLY A 132 -0.34 4.71 0.43
CA GLY A 132 -1.47 4.51 -0.48
C GLY A 132 -1.71 5.76 -1.30
N ARG A 133 -2.97 6.01 -1.63
CA ARG A 133 -3.39 7.25 -2.33
C ARG A 133 -2.88 8.47 -1.57
N LEU A 134 -2.53 9.53 -2.31
CA LEU A 134 -2.06 10.80 -1.73
C LEU A 134 -3.05 11.89 -2.11
N VAL A 135 -3.36 12.74 -1.15
CA VAL A 135 -4.08 14.03 -1.39
C VAL A 135 -3.13 15.14 -0.94
N LEU A 136 -2.76 16.03 -1.85
CA LEU A 136 -1.67 17.01 -1.60
C LEU A 136 -2.20 18.39 -1.94
N MET A 137 -2.23 19.28 -0.96
CA MET A 137 -2.84 20.63 -1.12
C MET A 137 -1.73 21.68 -1.12
N GLY A 138 -1.60 22.44 -2.22
CA GLY A 138 -0.51 23.43 -2.39
C GLY A 138 0.83 22.86 -1.90
N PRO A 139 1.18 21.62 -2.28
CA PRO A 139 2.30 20.93 -1.67
C PRO A 139 3.67 21.52 -2.01
N GLY A 140 4.57 21.48 -1.03
CA GLY A 140 6.01 21.67 -1.27
C GLY A 140 6.66 20.42 -1.86
N GLY A 141 7.93 20.54 -2.23
CA GLY A 141 8.77 19.38 -2.57
C GLY A 141 8.57 18.92 -4.00
N LEU A 142 7.37 18.48 -4.35
CA LEU A 142 7.11 18.02 -5.74
C LEU A 142 6.72 19.21 -6.61
N SER A 143 6.57 20.41 -6.02
CA SER A 143 6.27 21.64 -6.77
C SER A 143 7.60 22.24 -7.25
N ILE A 144 7.59 22.71 -8.49
CA ILE A 144 8.68 23.55 -9.05
C ILE A 144 7.98 24.67 -9.81
N ASN A 145 8.21 25.92 -9.41
CA ASN A 145 7.46 27.08 -9.92
C ASN A 145 8.07 27.47 -11.27
N LEU A 146 7.53 26.94 -12.37
CA LEU A 146 8.18 27.12 -13.69
C LEU A 146 8.16 28.58 -14.13
N PHE A 147 7.20 29.37 -13.64
CA PHE A 147 7.12 30.80 -14.04
C PHE A 147 7.49 31.70 -12.86
N ALA A 148 7.04 31.40 -11.66
CA ALA A 148 7.21 32.33 -10.52
C ALA A 148 8.69 32.39 -10.13
N PRO A 149 9.29 33.60 -10.08
CA PRO A 149 10.61 33.78 -9.47
C PRO A 149 10.60 33.32 -8.01
N ASP A 150 11.63 32.55 -7.64
CA ASP A 150 11.86 32.06 -6.26
C ASP A 150 12.94 32.90 -5.60
N PRO A 151 12.80 33.21 -4.30
CA PRO A 151 11.63 32.83 -3.51
C PRO A 151 10.39 33.66 -3.83
N THR A 152 9.22 33.03 -3.69
CA THR A 152 7.92 33.67 -3.91
C THR A 152 7.67 34.67 -2.80
N GLU A 153 6.73 35.57 -3.06
CA GLU A 153 6.21 36.54 -2.06
C GLU A 153 5.94 35.79 -0.74
N GLY A 154 5.24 34.65 -0.78
CA GLY A 154 4.89 33.89 0.42
C GLY A 154 6.10 33.41 1.20
N VAL A 155 7.06 32.79 0.52
CA VAL A 155 8.29 32.27 1.15
C VAL A 155 9.09 33.45 1.73
N LYS A 156 9.17 34.57 0.99
CA LYS A 156 9.93 35.76 1.47
C LYS A 156 9.32 36.25 2.80
N ARG A 157 8.00 36.25 2.92
CA ARG A 157 7.34 36.72 4.17
C ARG A 157 7.60 35.73 5.31
N LEU A 158 7.65 34.43 5.04
CA LEU A 158 8.05 33.43 6.06
C LEU A 158 9.50 33.71 6.48
N SER A 159 10.41 33.91 5.53
CA SER A 159 11.84 34.18 5.84
C SER A 159 11.96 35.45 6.70
N LYS A 160 11.18 36.47 6.38
CA LYS A 160 11.23 37.76 7.12
C LYS A 160 10.82 37.52 8.57
N PHE A 161 9.78 36.74 8.80
CA PHE A 161 9.32 36.40 10.18
C PHE A 161 10.44 35.67 10.91
N SER A 162 11.10 34.72 10.25
CA SER A 162 12.19 33.93 10.86
C SER A 162 13.29 34.87 11.40
N VAL A 163 13.65 35.89 10.63
CA VAL A 163 14.73 36.88 10.95
C VAL A 163 14.20 37.86 12.01
N ALA A 164 12.93 38.25 11.91
CA ALA A 164 12.28 39.30 12.75
C ALA A 164 10.92 38.80 13.22
N PRO A 165 10.88 37.90 14.23
CA PRO A 165 9.65 37.22 14.65
C PRO A 165 8.73 38.14 15.46
N THR A 166 8.09 39.08 14.76
CA THR A 166 7.12 40.05 15.34
C THR A 166 5.72 39.61 14.95
N ARG A 167 4.71 40.09 15.70
CA ARG A 167 3.31 39.82 15.38
C ARG A 167 3.00 40.41 14.00
N GLU A 168 3.54 41.59 13.70
CA GLU A 168 3.31 42.28 12.40
C GLU A 168 3.83 41.39 11.26
N ASN A 169 5.01 40.79 11.42
CA ASN A 169 5.58 39.94 10.34
C ASN A 169 4.81 38.61 10.26
N LEU A 170 4.26 38.09 11.36
CA LEU A 170 3.45 36.84 11.30
C LEU A 170 2.12 37.16 10.59
N GLU A 171 1.46 38.27 10.95
CA GLU A 171 0.18 38.63 10.31
C GLU A 171 0.42 38.82 8.80
N ALA A 172 1.56 39.39 8.39
CA ALA A 172 1.86 39.65 6.97
C ALA A 172 1.98 38.30 6.23
N PHE A 173 2.66 37.34 6.83
CA PHE A 173 2.78 35.99 6.24
C PHE A 173 1.40 35.33 6.16
N LEU A 174 0.60 35.41 7.23
CA LEU A 174 -0.73 34.73 7.26
C LEU A 174 -1.63 35.34 6.18
N ARG A 175 -1.54 36.65 5.95
CA ARG A 175 -2.40 37.35 4.95
C ARG A 175 -2.08 36.84 3.54
N VAL A 176 -0.86 36.45 3.22
CA VAL A 176 -0.59 35.93 1.84
C VAL A 176 -0.86 34.43 1.78
N MET A 177 -1.44 33.82 2.81
CA MET A 177 -1.74 32.39 2.72
C MET A 177 -3.21 32.16 2.35
N VAL A 178 -4.03 33.21 2.27
CA VAL A 178 -5.48 33.06 2.02
C VAL A 178 -5.94 34.10 1.00
N TYR A 179 -6.98 33.76 0.25
CA TYR A 179 -7.63 34.70 -0.68
C TYR A 179 -8.47 35.69 0.14
N ASP A 180 -9.32 35.18 1.03
CA ASP A 180 -10.23 36.00 1.87
C ASP A 180 -9.47 36.40 3.14
N LYS A 181 -8.91 37.59 3.16
CA LYS A 181 -8.03 38.06 4.27
C LYS A 181 -8.81 38.13 5.58
N ASN A 182 -10.14 38.18 5.53
CA ASN A 182 -10.99 38.19 6.75
C ASN A 182 -10.83 36.88 7.55
N LEU A 183 -10.31 35.80 6.96
CA LEU A 183 -10.03 34.55 7.71
C LEU A 183 -8.91 34.80 8.74
N ILE A 184 -8.07 35.80 8.51
CA ILE A 184 -6.91 36.09 9.41
C ILE A 184 -7.43 37.03 10.49
N THR A 185 -8.16 36.46 11.43
CA THR A 185 -8.77 37.18 12.58
C THR A 185 -7.68 37.58 13.56
N PRO A 186 -7.91 38.63 14.38
CA PRO A 186 -7.00 38.95 15.47
C PRO A 186 -6.77 37.75 16.41
N GLU A 187 -7.81 36.96 16.67
CA GLU A 187 -7.76 35.76 17.54
C GLU A 187 -6.81 34.72 16.92
N LEU A 188 -6.93 34.46 15.62
CA LEU A 188 -6.06 33.49 14.93
C LEU A 188 -4.61 33.97 14.99
N VAL A 189 -4.37 35.26 14.75
CA VAL A 189 -2.99 35.84 14.74
C VAL A 189 -2.43 35.70 16.17
N ASP A 190 -3.21 36.06 17.18
CA ASP A 190 -2.71 36.02 18.59
C ASP A 190 -2.33 34.58 18.94
N GLN A 191 -3.19 33.61 18.61
CA GLN A 191 -2.96 32.17 18.92
C GLN A 191 -1.72 31.68 18.17
N ARG A 192 -1.63 31.92 16.86
CA ARG A 192 -0.49 31.40 16.07
C ARG A 192 0.81 32.05 16.57
N PHE A 193 0.77 33.33 16.92
CA PHE A 193 2.00 34.08 17.30
C PHE A 193 2.50 33.63 18.68
N ALA A 194 1.58 33.33 19.60
CA ALA A 194 1.95 32.87 20.95
C ALA A 194 2.71 31.53 20.85
N LEU A 195 2.31 30.65 19.93
CA LEU A 195 3.01 29.35 19.69
C LEU A 195 4.29 29.57 18.90
N ALA A 196 4.28 30.40 17.86
CA ALA A 196 5.41 30.62 16.93
C ALA A 196 6.61 31.27 17.64
N SER A 197 6.36 32.08 18.67
CA SER A 197 7.36 33.01 19.23
C SER A 197 8.18 32.35 20.35
N THR A 198 7.79 31.16 20.81
CA THR A 198 8.53 30.45 21.90
C THR A 198 9.94 30.16 21.40
N PRO A 199 10.95 30.17 22.29
CA PRO A 199 12.32 29.87 21.87
C PRO A 199 12.40 28.51 21.15
N GLU A 200 11.68 27.51 21.67
CA GLU A 200 11.67 26.11 21.14
C GLU A 200 11.12 26.13 19.71
N SER A 201 10.01 26.84 19.49
CA SER A 201 9.36 26.94 18.15
C SER A 201 10.26 27.70 17.17
N LEU A 202 10.87 28.83 17.58
CA LEU A 202 11.70 29.63 16.64
C LEU A 202 12.96 28.87 16.26
N THR A 203 13.55 28.18 17.23
CA THR A 203 14.73 27.31 17.03
C THR A 203 14.38 26.28 15.95
N ALA A 204 13.21 25.65 16.06
CA ALA A 204 12.72 24.67 15.08
C ALA A 204 12.53 25.34 13.71
N THR A 205 11.90 26.51 13.68
CA THR A 205 11.57 27.21 12.41
C THR A 205 12.86 27.49 11.63
N ARG A 206 13.88 27.95 12.33
CA ARG A 206 15.17 28.33 11.69
C ARG A 206 15.87 27.07 11.20
N ALA A 207 15.88 26.02 12.02
CA ALA A 207 16.49 24.70 11.70
C ALA A 207 15.81 24.14 10.45
N MET A 208 14.49 24.24 10.34
CA MET A 208 13.73 23.71 9.18
C MET A 208 14.18 24.47 7.92
N GLY A 209 14.31 25.80 8.00
CA GLY A 209 14.75 26.64 6.88
C GLY A 209 16.13 26.25 6.38
N LYS A 210 17.10 26.17 7.30
CA LYS A 210 18.53 25.83 6.99
C LYS A 210 18.63 24.43 6.37
N SER A 211 17.71 23.52 6.70
CA SER A 211 17.78 22.08 6.33
C SER A 211 17.53 21.88 4.83
N PHE A 212 17.06 22.91 4.11
CA PHE A 212 16.69 22.81 2.68
C PHE A 212 17.89 23.16 1.78
N ALA A 213 18.99 23.67 2.36
CA ALA A 213 20.19 24.13 1.62
C ALA A 213 21.43 23.43 2.16
N GLY A 214 22.11 22.64 1.33
CA GLY A 214 23.29 21.83 1.68
C GLY A 214 23.51 20.74 0.65
N ALA A 215 24.45 19.82 0.86
CA ALA A 215 24.87 18.86 -0.19
C ALA A 215 23.66 18.04 -0.70
N ASP A 216 22.69 17.72 0.17
CA ASP A 216 21.54 16.82 -0.13
C ASP A 216 20.28 17.61 -0.49
N PHE A 217 20.43 18.80 -1.06
CA PHE A 217 19.29 19.62 -1.53
C PHE A 217 18.45 18.81 -2.52
N GLU A 218 19.04 17.79 -3.18
CA GLU A 218 18.33 16.93 -4.17
CA GLU A 218 18.31 16.99 -4.20
C GLU A 218 17.10 16.31 -3.52
N ALA A 219 17.16 16.00 -2.22
CA ALA A 219 16.04 15.33 -1.50
C ALA A 219 14.80 16.24 -1.52
N GLY A 220 14.99 17.54 -1.67
CA GLY A 220 13.89 18.51 -1.71
C GLY A 220 13.32 18.69 -3.11
N MET A 221 14.01 18.18 -4.12
CA MET A 221 13.63 18.40 -5.55
C MET A 221 12.78 17.21 -6.00
N MET A 222 11.64 16.99 -5.34
CA MET A 222 10.87 15.72 -5.51
C MET A 222 10.15 15.68 -6.86
N TRP A 223 10.04 16.81 -7.56
CA TRP A 223 9.52 16.87 -8.95
C TRP A 223 10.39 16.00 -9.87
N ARG A 224 11.63 15.69 -9.48
CA ARG A 224 12.53 14.80 -10.25
C ARG A 224 12.15 13.33 -10.08
N GLU A 225 11.38 13.00 -9.04
CA GLU A 225 11.24 11.60 -8.58
C GLU A 225 9.80 11.08 -8.68
N VAL A 226 8.80 11.96 -8.73
CA VAL A 226 7.38 11.52 -8.56
C VAL A 226 6.89 10.75 -9.79
N TYR A 227 7.61 10.76 -10.92
CA TYR A 227 7.25 9.86 -12.05
C TYR A 227 7.21 8.39 -11.59
N ARG A 228 7.88 8.06 -10.47
CA ARG A 228 7.95 6.68 -9.93
C ARG A 228 6.73 6.36 -9.05
N LEU A 229 5.88 7.32 -8.70
CA LEU A 229 4.73 7.03 -7.82
C LEU A 229 3.70 6.23 -8.60
N ARG A 230 3.22 5.13 -8.03
CA ARG A 230 2.31 4.22 -8.75
C ARG A 230 0.86 4.42 -8.31
N GLN A 231 0.62 5.15 -7.23
CA GLN A 231 -0.73 5.30 -6.67
C GLN A 231 -1.44 6.50 -7.31
N PRO A 232 -2.79 6.53 -7.26
CA PRO A 232 -3.53 7.75 -7.57
C PRO A 232 -3.10 8.87 -6.62
N VAL A 233 -2.92 10.06 -7.18
CA VAL A 233 -2.48 11.27 -6.44
C VAL A 233 -3.42 12.39 -6.83
N LEU A 234 -4.12 12.96 -5.85
CA LEU A 234 -4.99 14.13 -6.07
C LEU A 234 -4.24 15.38 -5.60
N LEU A 235 -3.77 16.17 -6.56
CA LEU A 235 -3.21 17.51 -6.31
C LEU A 235 -4.38 18.48 -6.18
N ILE A 236 -4.36 19.29 -5.14
CA ILE A 236 -5.42 20.32 -4.94
C ILE A 236 -4.71 21.65 -4.76
N TRP A 237 -5.13 22.65 -5.51
CA TRP A 237 -4.49 23.98 -5.47
C TRP A 237 -5.56 25.05 -5.37
N GLY A 238 -5.23 26.10 -4.66
CA GLY A 238 -5.89 27.40 -4.78
C GLY A 238 -5.28 28.19 -5.92
N ARG A 239 -6.11 28.67 -6.83
CA ARG A 239 -5.63 29.46 -7.99
C ARG A 239 -4.76 30.64 -7.52
N GLU A 240 -5.06 31.19 -6.33
CA GLU A 240 -4.40 32.42 -5.82
C GLU A 240 -3.36 32.08 -4.76
N ASP A 241 -2.86 30.84 -4.72
CA ASP A 241 -1.78 30.45 -3.79
C ASP A 241 -0.55 31.32 -4.07
N ARG A 242 -0.12 32.13 -3.08
CA ARG A 242 1.05 33.04 -3.25
C ARG A 242 2.30 32.47 -2.56
N VAL A 243 2.21 31.29 -1.98
CA VAL A 243 3.39 30.62 -1.35
C VAL A 243 3.96 29.61 -2.35
N ASN A 244 3.14 28.64 -2.72
CA ASN A 244 3.44 27.60 -3.73
C ASN A 244 2.46 27.79 -4.87
N PRO A 245 2.75 28.69 -5.82
CA PRO A 245 1.78 29.05 -6.83
C PRO A 245 1.46 27.91 -7.82
N LEU A 246 0.36 28.11 -8.54
CA LEU A 246 -0.27 27.06 -9.39
C LEU A 246 0.71 26.51 -10.43
N ASP A 247 1.63 27.32 -10.94
CA ASP A 247 2.59 26.85 -11.96
C ASP A 247 3.45 25.72 -11.37
N GLY A 248 3.52 25.62 -10.05
CA GLY A 248 4.25 24.54 -9.36
C GLY A 248 3.60 23.17 -9.49
N ALA A 249 2.36 23.09 -10.00
CA ALA A 249 1.61 21.82 -10.10
C ALA A 249 2.02 21.04 -11.36
N LEU A 250 2.60 21.70 -12.35
CA LEU A 250 2.62 21.16 -13.75
C LEU A 250 3.53 19.93 -13.88
N VAL A 251 4.74 19.93 -13.33
CA VAL A 251 5.62 18.74 -13.50
C VAL A 251 4.97 17.52 -12.85
N ALA A 252 4.44 17.67 -11.64
CA ALA A 252 3.76 16.58 -10.90
C ALA A 252 2.56 16.08 -11.72
N LEU A 253 1.73 16.97 -12.22
CA LEU A 253 0.52 16.57 -12.97
C LEU A 253 0.95 15.79 -14.20
N LYS A 254 2.01 16.22 -14.86
CA LYS A 254 2.44 15.58 -16.12
C LYS A 254 3.02 14.20 -15.82
N THR A 255 3.83 14.09 -14.77
CA THR A 255 4.75 12.93 -14.62
C THR A 255 4.17 11.84 -13.71
N ILE A 256 3.25 12.14 -12.80
CA ILE A 256 2.65 11.11 -11.92
C ILE A 256 1.59 10.39 -12.75
N PRO A 257 1.77 9.09 -13.08
CA PRO A 257 0.87 8.42 -14.00
C PRO A 257 -0.62 8.56 -13.64
N ARG A 258 -0.98 8.38 -12.37
CA ARG A 258 -2.41 8.38 -11.95
C ARG A 258 -2.74 9.68 -11.22
N ALA A 259 -2.15 10.78 -11.66
CA ALA A 259 -2.43 12.11 -11.08
C ALA A 259 -3.83 12.59 -11.44
N GLN A 260 -4.40 13.38 -10.56
CA GLN A 260 -5.54 14.29 -10.82
C GLN A 260 -5.17 15.66 -10.24
N LEU A 261 -5.75 16.71 -10.79
CA LEU A 261 -5.57 18.08 -10.24
C LEU A 261 -6.95 18.69 -10.06
N HIS A 262 -7.19 19.31 -8.92
CA HIS A 262 -8.36 20.19 -8.73
C HIS A 262 -7.84 21.58 -8.38
N VAL A 263 -8.28 22.58 -9.10
CA VAL A 263 -7.95 24.00 -8.78
C VAL A 263 -9.23 24.72 -8.40
N PHE A 264 -9.20 25.43 -7.28
CA PHE A 264 -10.29 26.33 -6.85
C PHE A 264 -9.92 27.78 -7.13
N GLY A 265 -10.73 28.45 -7.95
CA GLY A 265 -10.69 29.91 -8.04
C GLY A 265 -11.13 30.53 -6.72
N GLN A 266 -10.63 31.73 -6.44
CA GLN A 266 -10.94 32.50 -5.21
C GLN A 266 -10.56 31.66 -3.98
N CYS A 267 -9.32 31.19 -3.98
CA CYS A 267 -8.77 30.30 -2.94
C CYS A 267 -7.25 30.44 -2.94
N GLY A 268 -6.67 30.66 -1.77
CA GLY A 268 -5.20 30.74 -1.62
C GLY A 268 -4.59 29.42 -1.20
N HIS A 269 -3.62 29.48 -0.29
CA HIS A 269 -2.71 28.39 0.10
C HIS A 269 -3.31 27.46 1.16
N TRP A 270 -4.45 27.80 1.77
CA TRP A 270 -5.09 26.97 2.82
C TRP A 270 -6.39 26.39 2.27
N VAL A 271 -6.29 25.53 1.26
CA VAL A 271 -7.48 24.93 0.61
C VAL A 271 -8.39 24.29 1.68
N GLN A 272 -7.80 23.58 2.63
CA GLN A 272 -8.57 22.76 3.61
C GLN A 272 -9.41 23.68 4.51
N VAL A 273 -9.01 24.94 4.64
CA VAL A 273 -9.78 25.96 5.42
C VAL A 273 -10.70 26.72 4.48
N GLU A 274 -10.14 27.28 3.41
CA GLU A 274 -10.84 28.27 2.54
C GLU A 274 -11.97 27.60 1.76
N LYS A 275 -11.80 26.35 1.37
CA LYS A 275 -12.77 25.56 0.58
C LYS A 275 -13.01 24.26 1.35
N PHE A 276 -13.23 24.35 2.65
CA PHE A 276 -13.22 23.16 3.54
C PHE A 276 -14.25 22.12 3.08
N ASP A 277 -15.45 22.54 2.69
CA ASP A 277 -16.54 21.58 2.36
C ASP A 277 -16.16 20.83 1.07
N GLU A 278 -15.68 21.57 0.06
CA GLU A 278 -15.32 21.00 -1.26
C GLU A 278 -14.11 20.08 -1.07
N PHE A 279 -13.16 20.51 -0.26
CA PHE A 279 -11.95 19.72 0.06
C PHE A 279 -12.36 18.42 0.77
N ASN A 280 -13.21 18.53 1.79
CA ASN A 280 -13.66 17.33 2.54
C ASN A 280 -14.31 16.33 1.58
N LYS A 281 -15.20 16.81 0.71
CA LYS A 281 -15.92 15.91 -0.22
C LYS A 281 -14.96 15.29 -1.23
N LEU A 282 -14.03 16.07 -1.78
CA LEU A 282 -13.03 15.54 -2.73
C LEU A 282 -12.24 14.42 -2.04
N THR A 283 -11.81 14.66 -0.81
CA THR A 283 -10.92 13.74 -0.07
C THR A 283 -11.69 12.45 0.26
N ILE A 284 -12.92 12.58 0.73
CA ILE A 284 -13.75 11.40 1.09
C ILE A 284 -13.94 10.53 -0.16
N GLU A 285 -14.31 11.14 -1.30
CA GLU A 285 -14.56 10.37 -2.54
C GLU A 285 -13.26 9.74 -3.03
N PHE A 286 -12.18 10.52 -3.07
CA PHE A 286 -10.88 10.05 -3.61
C PHE A 286 -10.34 8.88 -2.80
N LEU A 287 -10.54 8.87 -1.48
CA LEU A 287 -9.98 7.80 -0.61
C LEU A 287 -10.96 6.63 -0.48
N GLY A 288 -12.07 6.67 -1.21
CA GLY A 288 -12.96 5.51 -1.45
C GLY A 288 -14.18 5.53 -0.56
N GLY A 289 -14.49 6.68 0.06
CA GLY A 289 -15.74 6.92 0.79
C GLY A 289 -15.68 6.45 2.22
N GLY A 290 -14.83 5.45 2.50
CA GLY A 290 -14.71 4.79 3.82
C GLY A 290 -16.03 4.18 4.26
N LEU B 7 -18.21 -33.76 -0.16
CA LEU B 7 -17.92 -32.40 -0.69
C LEU B 7 -17.76 -32.49 -2.21
N THR B 8 -18.47 -31.63 -2.94
CA THR B 8 -18.36 -31.52 -4.41
C THR B 8 -18.07 -30.08 -4.77
N PHE B 9 -17.58 -29.85 -5.99
CA PHE B 9 -17.46 -28.50 -6.60
C PHE B 9 -18.77 -27.74 -6.35
N GLU B 10 -19.90 -28.36 -6.71
CA GLU B 10 -21.24 -27.71 -6.71
C GLU B 10 -21.67 -27.43 -5.26
N SER B 11 -21.50 -28.38 -4.33
CA SER B 11 -22.01 -28.26 -2.94
C SER B 11 -21.27 -27.14 -2.21
N THR B 12 -19.99 -26.92 -2.56
CA THR B 12 -19.11 -25.96 -1.85
C THR B 12 -19.09 -24.59 -2.55
N SER B 13 -19.65 -24.51 -3.76
CA SER B 13 -19.58 -23.32 -4.63
C SER B 13 -20.29 -22.12 -3.99
N ARG B 14 -19.60 -20.98 -3.90
CA ARG B 14 -20.14 -19.70 -3.40
C ARG B 14 -19.69 -18.55 -4.31
N PHE B 15 -20.49 -17.48 -4.36
CA PHE B 15 -20.13 -16.23 -5.05
C PHE B 15 -20.26 -15.07 -4.08
N ALA B 16 -19.40 -14.08 -4.26
CA ALA B 16 -19.51 -12.76 -3.62
C ALA B 16 -19.23 -11.70 -4.68
N GLU B 17 -19.82 -10.52 -4.52
CA GLU B 17 -19.52 -9.36 -5.37
C GLU B 17 -18.81 -8.34 -4.47
N VAL B 18 -17.59 -7.96 -4.84
CA VAL B 18 -16.80 -6.96 -4.09
C VAL B 18 -16.50 -5.79 -5.02
N ASP B 19 -15.92 -4.72 -4.47
CA ASP B 19 -15.60 -3.50 -5.25
C ASP B 19 -14.09 -3.34 -5.33
N VAL B 20 -13.55 -3.48 -6.53
CA VAL B 20 -12.15 -3.15 -6.88
C VAL B 20 -12.21 -2.38 -8.21
N ASP B 21 -12.15 -1.05 -8.15
CA ASP B 21 -12.38 -0.14 -9.32
C ASP B 21 -13.68 -0.57 -10.01
N GLY B 22 -14.73 -0.82 -9.23
CA GLY B 22 -16.04 -1.26 -9.73
C GLY B 22 -16.35 -2.70 -9.31
N PRO B 23 -17.57 -3.18 -9.63
CA PRO B 23 -18.00 -4.53 -9.25
C PRO B 23 -17.04 -5.61 -9.77
N LEU B 24 -16.74 -6.57 -8.89
CA LEU B 24 -15.89 -7.75 -9.19
C LEU B 24 -16.54 -8.96 -8.52
N LYS B 25 -16.98 -9.91 -9.33
CA LYS B 25 -17.55 -11.20 -8.85
C LYS B 25 -16.40 -12.14 -8.53
N LEU B 26 -16.37 -12.64 -7.30
CA LEU B 26 -15.42 -13.68 -6.85
C LEU B 26 -16.20 -14.99 -6.67
N HIS B 27 -15.65 -16.08 -7.18
CA HIS B 27 -16.11 -17.46 -6.92
C HIS B 27 -15.18 -18.06 -5.87
N TYR B 28 -15.74 -18.82 -4.94
CA TYR B 28 -14.93 -19.55 -3.94
C TYR B 28 -15.66 -20.82 -3.54
N HIS B 29 -14.92 -21.69 -2.86
CA HIS B 29 -15.45 -22.92 -2.24
C HIS B 29 -15.35 -22.80 -0.72
N GLU B 30 -16.43 -23.19 -0.04
CA GLU B 30 -16.53 -23.19 1.43
C GLU B 30 -16.75 -24.63 1.91
N ALA B 31 -15.98 -25.03 2.92
CA ALA B 31 -16.17 -26.32 3.63
C ALA B 31 -15.75 -26.15 5.08
N GLY B 32 -16.18 -27.08 5.95
CA GLY B 32 -15.81 -27.09 7.37
C GLY B 32 -16.44 -25.95 8.14
N VAL B 33 -17.61 -25.46 7.70
CA VAL B 33 -18.34 -24.37 8.41
C VAL B 33 -18.54 -24.82 9.86
N GLY B 34 -18.30 -23.92 10.83
CA GLY B 34 -18.46 -24.20 12.28
C GLY B 34 -17.16 -24.63 12.95
N ASN B 35 -16.12 -24.99 12.18
CA ASN B 35 -14.77 -25.18 12.75
C ASN B 35 -14.30 -23.81 13.25
N ASP B 36 -13.61 -23.75 14.38
CA ASP B 36 -13.27 -22.50 15.10
C ASP B 36 -12.41 -21.61 14.18
N GLN B 37 -11.47 -22.21 13.45
CA GLN B 37 -10.41 -21.47 12.70
C GLN B 37 -10.73 -21.46 11.19
N THR B 38 -10.91 -20.27 10.62
CA THR B 38 -11.03 -20.06 9.16
C THR B 38 -9.61 -20.06 8.57
N VAL B 39 -9.47 -20.66 7.40
CA VAL B 39 -8.21 -20.58 6.61
C VAL B 39 -8.60 -20.28 5.16
N VAL B 40 -7.83 -19.41 4.50
CA VAL B 40 -8.06 -19.06 3.07
C VAL B 40 -6.99 -19.74 2.21
N LEU B 41 -7.42 -20.39 1.15
CA LEU B 41 -6.54 -21.07 0.16
C LEU B 41 -6.54 -20.26 -1.13
N LEU B 42 -5.34 -20.01 -1.67
CA LEU B 42 -5.12 -19.26 -2.93
C LEU B 42 -4.28 -20.11 -3.88
N HIS B 43 -4.89 -20.50 -4.99
CA HIS B 43 -4.32 -21.45 -5.98
C HIS B 43 -3.22 -20.79 -6.85
N GLY B 44 -2.49 -21.65 -7.56
CA GLY B 44 -1.45 -21.24 -8.53
C GLY B 44 -2.07 -20.72 -9.80
N GLY B 45 -1.24 -20.13 -10.67
CA GLY B 45 -1.68 -19.30 -11.80
C GLY B 45 -1.49 -19.93 -13.17
N GLY B 46 -1.20 -21.23 -13.25
CA GLY B 46 -1.09 -21.91 -14.56
C GLY B 46 -2.40 -21.77 -15.35
N PRO B 47 -2.37 -21.69 -16.70
CA PRO B 47 -3.61 -21.63 -17.48
C PRO B 47 -4.60 -22.76 -17.13
N GLY B 48 -5.87 -22.39 -16.93
CA GLY B 48 -6.94 -23.33 -16.58
C GLY B 48 -6.99 -23.66 -15.10
N ALA B 49 -6.11 -23.08 -14.29
CA ALA B 49 -6.07 -23.34 -12.83
C ALA B 49 -7.30 -22.72 -12.18
N ALA B 50 -7.74 -23.35 -11.09
CA ALA B 50 -8.81 -22.83 -10.21
C ALA B 50 -8.69 -23.51 -8.85
N SER B 51 -9.49 -23.05 -7.88
CA SER B 51 -9.39 -23.47 -6.45
C SER B 51 -9.61 -24.98 -6.32
N TRP B 52 -10.72 -25.48 -6.85
CA TRP B 52 -11.17 -26.88 -6.60
C TRP B 52 -10.15 -27.89 -7.17
N THR B 53 -9.72 -27.69 -8.40
CA THR B 53 -8.76 -28.61 -9.07
C THR B 53 -7.36 -28.45 -8.44
N ASN B 54 -6.95 -27.24 -8.08
CA ASN B 54 -5.62 -26.97 -7.46
C ASN B 54 -5.55 -27.69 -6.10
N PHE B 55 -6.64 -27.68 -5.33
CA PHE B 55 -6.63 -28.12 -3.90
C PHE B 55 -7.53 -29.34 -3.67
N SER B 56 -7.75 -30.16 -4.70
CA SER B 56 -8.66 -31.35 -4.65
C SER B 56 -8.13 -32.36 -3.62
N ARG B 57 -6.81 -32.56 -3.50
CA ARG B 57 -6.24 -33.54 -2.54
C ARG B 57 -6.10 -32.94 -1.13
N ASN B 58 -6.62 -31.72 -0.90
CA ASN B 58 -6.37 -30.96 0.34
C ASN B 58 -7.66 -30.46 1.01
N ILE B 59 -8.66 -29.97 0.27
CA ILE B 59 -9.83 -29.25 0.88
C ILE B 59 -10.56 -30.19 1.84
N ALA B 60 -10.93 -31.38 1.38
CA ALA B 60 -11.64 -32.40 2.19
C ALA B 60 -10.88 -32.64 3.49
N VAL B 61 -9.56 -32.82 3.42
CA VAL B 61 -8.74 -33.10 4.64
C VAL B 61 -8.68 -31.87 5.54
N LEU B 62 -8.41 -30.68 4.98
CA LEU B 62 -8.28 -29.46 5.80
C LEU B 62 -9.64 -29.12 6.43
N ALA B 63 -10.75 -29.36 5.72
CA ALA B 63 -12.13 -29.07 6.17
C ALA B 63 -12.50 -29.94 7.39
N ARG B 64 -11.74 -30.99 7.71
CA ARG B 64 -11.92 -31.74 8.99
C ARG B 64 -11.49 -30.89 10.18
N HIS B 65 -10.60 -29.91 9.99
CA HIS B 65 -9.93 -29.15 11.09
C HIS B 65 -10.28 -27.66 11.05
N PHE B 66 -10.55 -27.13 9.87
CA PHE B 66 -10.66 -25.68 9.62
C PHE B 66 -11.93 -25.39 8.85
N HIS B 67 -12.38 -24.14 8.93
CA HIS B 67 -13.35 -23.54 8.00
C HIS B 67 -12.57 -23.05 6.76
N VAL B 68 -12.65 -23.79 5.67
CA VAL B 68 -11.84 -23.57 4.44
C VAL B 68 -12.59 -22.66 3.48
N LEU B 69 -11.95 -21.56 3.08
CA LEU B 69 -12.41 -20.72 1.95
C LEU B 69 -11.34 -20.79 0.85
N ALA B 70 -11.64 -21.48 -0.23
CA ALA B 70 -10.72 -21.66 -1.38
C ALA B 70 -11.21 -20.73 -2.49
N VAL B 71 -10.47 -19.65 -2.71
CA VAL B 71 -10.95 -18.48 -3.53
C VAL B 71 -10.34 -18.55 -4.91
N ASP B 72 -11.18 -18.54 -5.96
CA ASP B 72 -10.71 -18.39 -7.35
C ASP B 72 -10.19 -16.96 -7.48
N GLN B 73 -8.91 -16.77 -7.77
CA GLN B 73 -8.36 -15.41 -7.89
C GLN B 73 -8.95 -14.76 -9.14
N PRO B 74 -9.02 -13.41 -9.19
CA PRO B 74 -9.51 -12.73 -10.38
C PRO B 74 -8.73 -13.19 -11.63
N GLY B 75 -9.45 -13.48 -12.72
CA GLY B 75 -8.86 -14.02 -13.95
C GLY B 75 -8.88 -15.53 -14.02
N TYR B 76 -9.31 -16.23 -12.95
CA TYR B 76 -9.29 -17.71 -12.87
C TYR B 76 -10.67 -18.27 -12.48
N GLY B 77 -10.94 -19.49 -12.94
CA GLY B 77 -12.12 -20.26 -12.54
C GLY B 77 -13.38 -19.51 -12.90
N HIS B 78 -14.28 -19.30 -11.93
CA HIS B 78 -15.56 -18.58 -12.14
C HIS B 78 -15.51 -17.17 -11.56
N SER B 79 -14.33 -16.67 -11.16
CA SER B 79 -14.17 -15.24 -10.80
C SER B 79 -14.11 -14.41 -12.09
N ASP B 80 -14.42 -13.12 -11.99
CA ASP B 80 -14.42 -12.19 -13.15
C ASP B 80 -13.05 -12.22 -13.84
N LYS B 81 -13.06 -12.13 -15.17
CA LYS B 81 -11.85 -12.17 -16.04
C LYS B 81 -11.78 -10.86 -16.83
N ARG B 82 -11.37 -9.79 -16.14
CA ARG B 82 -11.25 -8.44 -16.73
C ARG B 82 -10.10 -8.45 -17.75
N ALA B 83 -10.20 -7.55 -18.73
CA ALA B 83 -9.25 -7.43 -19.86
C ALA B 83 -8.04 -6.62 -19.40
N GLU B 84 -8.14 -5.90 -18.27
CA GLU B 84 -7.08 -4.99 -17.77
C GLU B 84 -7.10 -4.91 -16.23
N HIS B 85 -5.91 -4.79 -15.63
CA HIS B 85 -5.72 -4.62 -14.17
C HIS B 85 -4.28 -4.19 -13.89
N GLY B 86 -4.01 -3.74 -12.67
CA GLY B 86 -2.66 -3.37 -12.20
C GLY B 86 -1.84 -4.60 -11.89
N GLN B 87 -0.80 -4.44 -11.06
CA GLN B 87 0.08 -5.58 -10.69
C GLN B 87 -0.81 -6.67 -10.10
N PHE B 88 -0.68 -7.89 -10.58
CA PHE B 88 -1.71 -8.94 -10.34
C PHE B 88 -1.87 -9.18 -8.83
N ASN B 89 -0.78 -9.31 -8.08
CA ASN B 89 -0.90 -9.67 -6.65
C ASN B 89 -1.61 -8.56 -5.88
N ARG B 90 -1.36 -7.28 -6.18
CA ARG B 90 -2.07 -6.18 -5.46
C ARG B 90 -3.55 -6.21 -5.88
N TYR B 91 -3.85 -6.42 -7.16
CA TYR B 91 -5.24 -6.59 -7.70
C TYR B 91 -5.98 -7.68 -6.91
N ALA B 92 -5.39 -8.87 -6.87
CA ALA B 92 -5.96 -10.04 -6.17
C ALA B 92 -6.06 -9.76 -4.66
N ALA B 93 -5.07 -9.10 -4.05
CA ALA B 93 -5.08 -8.77 -2.61
C ALA B 93 -6.24 -7.80 -2.33
N MET B 94 -6.46 -6.84 -3.21
CA MET B 94 -7.59 -5.88 -3.05
C MET B 94 -8.92 -6.63 -3.14
N ALA B 95 -9.03 -7.58 -4.07
CA ALA B 95 -10.21 -8.46 -4.20
C ALA B 95 -10.42 -9.23 -2.88
N LEU B 96 -9.36 -9.81 -2.33
CA LEU B 96 -9.43 -10.60 -1.08
C LEU B 96 -9.84 -9.72 0.11
N LYS B 97 -9.31 -8.50 0.19
CA LYS B 97 -9.66 -7.52 1.24
C LYS B 97 -11.17 -7.28 1.15
N GLY B 98 -11.69 -7.07 -0.07
CA GLY B 98 -13.13 -6.91 -0.33
C GLY B 98 -13.91 -8.09 0.22
N LEU B 99 -13.44 -9.31 -0.03
CA LEU B 99 -14.13 -10.54 0.43
C LEU B 99 -14.05 -10.63 1.96
N PHE B 100 -12.87 -10.40 2.54
CA PHE B 100 -12.67 -10.41 4.02
C PHE B 100 -13.70 -9.49 4.68
N ASP B 101 -13.85 -8.29 4.13
CA ASP B 101 -14.76 -7.27 4.69
C ASP B 101 -16.21 -7.75 4.52
N GLN B 102 -16.58 -8.22 3.34
CA GLN B 102 -17.96 -8.68 3.06
C GLN B 102 -18.32 -9.80 4.03
N LEU B 103 -17.42 -10.78 4.24
CA LEU B 103 -17.70 -11.99 5.04
C LEU B 103 -17.45 -11.75 6.54
N GLY B 104 -16.93 -10.58 6.92
CA GLY B 104 -16.67 -10.19 8.32
C GLY B 104 -15.51 -10.97 8.93
N LEU B 105 -14.53 -11.37 8.11
CA LEU B 105 -13.33 -12.09 8.61
C LEU B 105 -12.45 -11.08 9.34
N GLY B 106 -11.80 -11.52 10.43
CA GLY B 106 -10.85 -10.73 11.20
C GLY B 106 -9.43 -10.99 10.71
N ARG B 107 -8.66 -11.73 11.49
CA ARG B 107 -7.28 -12.14 11.15
C ARG B 107 -7.31 -13.62 10.79
N VAL B 108 -6.95 -13.96 9.56
CA VAL B 108 -7.14 -15.32 9.00
C VAL B 108 -5.80 -15.80 8.43
N PRO B 109 -5.37 -17.05 8.72
CA PRO B 109 -4.20 -17.62 8.05
C PRO B 109 -4.48 -17.84 6.56
N LEU B 110 -3.42 -17.74 5.76
CA LEU B 110 -3.50 -17.91 4.28
C LEU B 110 -2.54 -19.02 3.86
N VAL B 111 -3.00 -19.82 2.91
CA VAL B 111 -2.25 -20.91 2.25
C VAL B 111 -2.24 -20.57 0.77
N GLY B 112 -1.07 -20.45 0.16
CA GLY B 112 -0.97 -20.03 -1.24
C GLY B 112 0.14 -20.74 -1.97
N ASN B 113 -0.14 -21.32 -3.14
CA ASN B 113 0.93 -21.87 -4.01
C ASN B 113 1.18 -20.93 -5.17
N SER B 114 2.45 -20.73 -5.47
CA SER B 114 2.92 -19.98 -6.66
C SER B 114 2.27 -18.58 -6.66
N LEU B 115 1.53 -18.22 -7.71
CA LEU B 115 0.90 -16.87 -7.82
C LEU B 115 0.05 -16.59 -6.57
N GLY B 116 -0.67 -17.59 -6.08
CA GLY B 116 -1.49 -17.44 -4.85
C GLY B 116 -0.63 -17.16 -3.63
N GLY B 117 0.58 -17.72 -3.55
CA GLY B 117 1.52 -17.33 -2.49
C GLY B 117 1.91 -15.87 -2.58
N GLY B 118 2.17 -15.38 -3.79
CA GLY B 118 2.43 -13.94 -4.02
C GLY B 118 1.29 -13.09 -3.50
N THR B 119 0.07 -13.51 -3.79
CA THR B 119 -1.14 -12.73 -3.41
C THR B 119 -1.26 -12.74 -1.88
N ALA B 120 -1.02 -13.89 -1.25
CA ALA B 120 -1.09 -14.02 0.22
C ALA B 120 -0.10 -13.04 0.83
N VAL B 121 1.12 -13.00 0.31
CA VAL B 121 2.16 -12.11 0.87
C VAL B 121 1.77 -10.65 0.66
N ARG B 122 1.30 -10.28 -0.53
CA ARG B 122 0.94 -8.87 -0.83
C ARG B 122 -0.15 -8.43 0.15
N PHE B 123 -1.13 -9.31 0.38
CA PHE B 123 -2.24 -9.08 1.34
C PHE B 123 -1.68 -8.90 2.75
N ALA B 124 -0.79 -9.79 3.20
CA ALA B 124 -0.20 -9.75 4.56
C ALA B 124 0.62 -8.49 4.76
N LEU B 125 1.22 -7.95 3.69
CA LEU B 125 2.05 -6.72 3.78
C LEU B 125 1.14 -5.50 3.83
N ASP B 126 0.12 -5.47 2.97
CA ASP B 126 -0.73 -4.25 2.79
C ASP B 126 -1.76 -4.14 3.92
N TYR B 127 -2.24 -5.27 4.43
CA TYR B 127 -3.32 -5.34 5.46
C TYR B 127 -2.83 -6.20 6.61
N PRO B 128 -1.78 -5.79 7.34
CA PRO B 128 -1.07 -6.73 8.22
C PRO B 128 -1.93 -7.29 9.36
N ALA B 129 -2.92 -6.54 9.84
CA ALA B 129 -3.81 -6.97 10.95
C ALA B 129 -4.78 -8.07 10.49
N ARG B 130 -4.93 -8.30 9.19
CA ARG B 130 -5.97 -9.20 8.62
C ARG B 130 -5.37 -10.56 8.24
N ALA B 131 -4.04 -10.68 8.20
CA ALA B 131 -3.36 -11.94 7.84
C ALA B 131 -2.73 -12.57 9.07
N GLY B 132 -3.00 -13.86 9.25
CA GLY B 132 -2.36 -14.66 10.30
C GLY B 132 -1.17 -15.41 9.73
N ARG B 133 -0.92 -16.59 10.27
CA ARG B 133 0.17 -17.46 9.79
C ARG B 133 0.02 -17.68 8.28
N LEU B 134 1.16 -17.78 7.57
CA LEU B 134 1.17 -18.04 6.12
C LEU B 134 1.82 -19.39 5.86
N VAL B 135 1.26 -20.13 4.91
CA VAL B 135 1.86 -21.36 4.34
C VAL B 135 2.00 -21.08 2.86
N LEU B 136 3.22 -21.09 2.34
CA LEU B 136 3.51 -20.62 0.96
C LEU B 136 4.27 -21.71 0.24
N MET B 137 3.68 -22.26 -0.82
CA MET B 137 4.26 -23.43 -1.55
C MET B 137 4.79 -22.97 -2.91
N GLY B 138 6.10 -23.17 -3.15
CA GLY B 138 6.74 -22.68 -4.39
C GLY B 138 6.26 -21.28 -4.76
N PRO B 139 6.23 -20.32 -3.79
CA PRO B 139 5.54 -19.06 -4.01
C PRO B 139 6.25 -18.14 -5.01
N GLY B 140 5.43 -17.39 -5.75
CA GLY B 140 5.90 -16.25 -6.53
C GLY B 140 6.04 -15.02 -5.64
N GLY B 141 6.58 -13.95 -6.20
CA GLY B 141 6.58 -12.64 -5.54
C GLY B 141 7.69 -12.53 -4.52
N LEU B 142 7.64 -13.30 -3.44
CA LEU B 142 8.72 -13.20 -2.41
C LEU B 142 9.91 -14.08 -2.80
N SER B 143 9.80 -14.88 -3.87
CA SER B 143 10.94 -15.65 -4.42
C SER B 143 11.75 -14.76 -5.34
N ILE B 144 13.06 -14.93 -5.30
CA ILE B 144 14.02 -14.32 -6.24
C ILE B 144 15.09 -15.39 -6.48
N ASN B 145 15.21 -15.81 -7.74
CA ASN B 145 16.02 -16.99 -8.13
C ASN B 145 17.49 -16.56 -8.21
N LEU B 146 18.23 -16.69 -7.11
CA LEU B 146 19.59 -16.13 -7.05
C LEU B 146 20.53 -16.82 -8.04
N PHE B 147 20.24 -18.06 -8.41
CA PHE B 147 21.12 -18.82 -9.34
C PHE B 147 20.43 -19.07 -10.67
N ALA B 148 19.13 -19.40 -10.70
CA ALA B 148 18.47 -19.78 -11.96
C ALA B 148 18.35 -18.56 -12.85
N PRO B 149 18.86 -18.61 -14.10
CA PRO B 149 18.56 -17.57 -15.08
C PRO B 149 17.05 -17.43 -15.32
N ASP B 150 16.56 -16.19 -15.37
CA ASP B 150 15.14 -15.86 -15.62
C ASP B 150 14.99 -15.42 -17.06
N PRO B 151 13.89 -15.81 -17.74
CA PRO B 151 12.85 -16.68 -17.18
C PRO B 151 13.29 -18.15 -17.08
N THR B 152 12.79 -18.85 -16.07
CA THR B 152 13.05 -20.29 -15.88
C THR B 152 12.38 -21.10 -16.98
N GLU B 153 12.82 -22.35 -17.13
CA GLU B 153 12.22 -23.34 -18.09
C GLU B 153 10.70 -23.31 -17.91
N GLY B 154 10.22 -23.32 -16.67
CA GLY B 154 8.78 -23.35 -16.35
C GLY B 154 8.05 -22.11 -16.85
N VAL B 155 8.59 -20.94 -16.53
CA VAL B 155 7.99 -19.64 -16.95
C VAL B 155 8.00 -19.57 -18.49
N LYS B 156 9.08 -20.02 -19.14
CA LYS B 156 9.19 -19.97 -20.62
C LYS B 156 8.05 -20.77 -21.24
N ARG B 157 7.76 -21.96 -20.71
CA ARG B 157 6.69 -22.84 -21.26
C ARG B 157 5.33 -22.17 -21.03
N LEU B 158 5.14 -21.48 -19.90
CA LEU B 158 3.89 -20.71 -19.65
C LEU B 158 3.76 -19.61 -20.69
N SER B 159 4.83 -18.87 -20.97
CA SER B 159 4.80 -17.77 -21.97
C SER B 159 4.49 -18.34 -23.35
N LYS B 160 5.07 -19.49 -23.70
CA LYS B 160 4.90 -20.11 -25.03
C LYS B 160 3.41 -20.44 -25.22
N PHE B 161 2.77 -21.02 -24.19
CA PHE B 161 1.32 -21.31 -24.22
C PHE B 161 0.55 -20.02 -24.48
N SER B 162 0.87 -18.95 -23.76
CA SER B 162 0.17 -17.64 -23.87
C SER B 162 0.18 -17.15 -25.31
N VAL B 163 1.32 -17.31 -26.00
CA VAL B 163 1.54 -16.82 -27.39
C VAL B 163 0.86 -17.78 -28.37
N ALA B 164 0.92 -19.09 -28.09
CA ALA B 164 0.40 -20.18 -28.94
C ALA B 164 -0.40 -21.15 -28.06
N PRO B 165 -1.68 -20.82 -27.76
CA PRO B 165 -2.46 -21.57 -26.77
C PRO B 165 -2.99 -22.89 -27.34
N THR B 166 -2.09 -23.86 -27.49
CA THR B 166 -2.33 -25.20 -28.08
C THR B 166 -2.31 -26.24 -26.96
N ARG B 167 -2.95 -27.38 -27.21
CA ARG B 167 -2.97 -28.52 -26.26
C ARG B 167 -1.53 -29.00 -26.02
N GLU B 168 -0.73 -29.06 -27.09
CA GLU B 168 0.70 -29.47 -27.06
C GLU B 168 1.47 -28.53 -26.12
N ASN B 169 1.29 -27.21 -26.25
CA ASN B 169 2.02 -26.22 -25.43
C ASN B 169 1.52 -26.27 -23.97
N LEU B 170 0.24 -26.59 -23.73
CA LEU B 170 -0.27 -26.69 -22.35
C LEU B 170 0.30 -27.95 -21.70
N GLU B 171 0.30 -29.07 -22.43
CA GLU B 171 0.88 -30.33 -21.90
C GLU B 171 2.35 -30.07 -21.55
N ALA B 172 3.10 -29.38 -22.40
CA ALA B 172 4.53 -29.08 -22.19
C ALA B 172 4.69 -28.33 -20.87
N PHE B 173 3.88 -27.31 -20.64
CA PHE B 173 3.99 -26.50 -19.39
C PHE B 173 3.64 -27.37 -18.18
N LEU B 174 2.62 -28.24 -18.28
CA LEU B 174 2.16 -29.07 -17.14
C LEU B 174 3.25 -30.09 -16.78
N ARG B 175 4.00 -30.59 -17.75
CA ARG B 175 5.04 -31.62 -17.50
C ARG B 175 6.20 -31.03 -16.68
N VAL B 176 6.44 -29.71 -16.75
CA VAL B 176 7.53 -29.12 -15.91
C VAL B 176 6.95 -28.61 -14.58
N MET B 177 5.69 -28.90 -14.26
CA MET B 177 5.06 -28.55 -12.94
C MET B 177 5.33 -29.64 -11.91
N VAL B 178 5.65 -30.86 -12.35
CA VAL B 178 5.66 -32.06 -11.46
C VAL B 178 6.94 -32.85 -11.67
N TYR B 179 7.35 -33.56 -10.64
CA TYR B 179 8.49 -34.49 -10.66
C TYR B 179 8.06 -35.78 -11.39
N ASP B 180 6.90 -36.32 -11.00
CA ASP B 180 6.34 -37.56 -11.61
C ASP B 180 5.42 -37.15 -12.76
N LYS B 181 5.92 -37.22 -13.99
CA LYS B 181 5.22 -36.71 -15.20
C LYS B 181 4.00 -37.58 -15.51
N ASN B 182 3.84 -38.73 -14.83
CA ASN B 182 2.64 -39.62 -14.97
C ASN B 182 1.40 -38.97 -14.36
N LEU B 183 1.56 -37.96 -13.50
CA LEU B 183 0.42 -37.17 -12.94
C LEU B 183 -0.25 -36.37 -14.06
N ILE B 184 0.47 -36.13 -15.16
CA ILE B 184 -0.08 -35.31 -16.29
C ILE B 184 -0.76 -36.29 -17.25
N THR B 185 -1.96 -36.70 -16.89
CA THR B 185 -2.79 -37.66 -17.67
C THR B 185 -3.41 -36.93 -18.86
N PRO B 186 -3.76 -37.65 -19.95
CA PRO B 186 -4.52 -37.05 -21.04
C PRO B 186 -5.81 -36.38 -20.57
N GLU B 187 -6.44 -36.88 -19.50
CA GLU B 187 -7.70 -36.33 -18.91
C GLU B 187 -7.43 -34.98 -18.26
N LEU B 188 -6.36 -34.88 -17.46
CA LEU B 188 -5.96 -33.61 -16.84
C LEU B 188 -5.70 -32.57 -17.94
N VAL B 189 -4.93 -32.95 -18.96
CA VAL B 189 -4.55 -32.05 -20.09
C VAL B 189 -5.84 -31.59 -20.78
N ASP B 190 -6.73 -32.53 -21.10
CA ASP B 190 -8.04 -32.21 -21.74
C ASP B 190 -8.81 -31.21 -20.88
N GLN B 191 -8.93 -31.47 -19.57
CA GLN B 191 -9.75 -30.62 -18.67
C GLN B 191 -9.16 -29.21 -18.60
N ARG B 192 -7.84 -29.12 -18.39
CA ARG B 192 -7.14 -27.82 -18.25
C ARG B 192 -7.20 -27.05 -19.56
N PHE B 193 -7.02 -27.72 -20.70
CA PHE B 193 -7.02 -27.04 -22.02
C PHE B 193 -8.42 -26.49 -22.29
N ALA B 194 -9.48 -27.24 -21.98
CA ALA B 194 -10.87 -26.79 -22.22
C ALA B 194 -11.10 -25.47 -21.46
N LEU B 195 -10.63 -25.39 -20.22
CA LEU B 195 -10.80 -24.18 -19.36
C LEU B 195 -9.88 -23.05 -19.86
N ALA B 196 -8.62 -23.37 -20.19
CA ALA B 196 -7.57 -22.36 -20.47
C ALA B 196 -7.82 -21.66 -21.82
N SER B 197 -8.48 -22.33 -22.77
CA SER B 197 -8.56 -21.89 -24.19
C SER B 197 -9.86 -21.13 -24.47
N THR B 198 -10.73 -20.90 -23.48
CA THR B 198 -11.95 -20.06 -23.67
C THR B 198 -11.51 -18.64 -24.01
N PRO B 199 -12.29 -17.87 -24.79
CA PRO B 199 -11.98 -16.46 -25.05
C PRO B 199 -11.75 -15.65 -23.77
N GLU B 200 -12.61 -15.84 -22.76
CA GLU B 200 -12.58 -15.12 -21.46
C GLU B 200 -11.27 -15.46 -20.72
N SER B 201 -10.90 -16.72 -20.67
CA SER B 201 -9.64 -17.18 -20.00
C SER B 201 -8.43 -16.61 -20.75
N LEU B 202 -8.45 -16.63 -22.09
CA LEU B 202 -7.34 -16.07 -22.90
C LEU B 202 -7.27 -14.55 -22.70
N THR B 203 -8.41 -13.86 -22.54
CA THR B 203 -8.49 -12.42 -22.18
C THR B 203 -7.72 -12.21 -20.86
N ALA B 204 -8.02 -13.01 -19.83
CA ALA B 204 -7.39 -12.92 -18.49
C ALA B 204 -5.88 -13.21 -18.58
N THR B 205 -5.47 -14.17 -19.41
CA THR B 205 -4.03 -14.50 -19.60
C THR B 205 -3.36 -13.37 -20.41
N ARG B 206 -4.06 -12.72 -21.34
CA ARG B 206 -3.56 -11.52 -22.06
C ARG B 206 -3.40 -10.35 -21.06
N ALA B 207 -4.39 -10.15 -20.19
CA ALA B 207 -4.40 -9.10 -19.14
C ALA B 207 -3.23 -9.33 -18.18
N MET B 208 -3.00 -10.59 -17.80
CA MET B 208 -1.93 -11.01 -16.87
C MET B 208 -0.56 -10.67 -17.46
N GLY B 209 -0.38 -10.90 -18.78
CA GLY B 209 0.91 -10.69 -19.48
C GLY B 209 1.48 -9.32 -19.19
N LYS B 210 0.72 -8.28 -19.55
CA LYS B 210 1.06 -6.84 -19.39
C LYS B 210 1.53 -6.55 -17.96
N SER B 211 0.78 -7.00 -16.95
CA SER B 211 0.80 -6.45 -15.58
C SER B 211 2.13 -6.77 -14.86
N PHE B 212 2.73 -7.93 -15.10
CA PHE B 212 4.01 -8.34 -14.45
C PHE B 212 5.17 -7.60 -15.11
N ALA B 213 5.02 -7.23 -16.39
CA ALA B 213 5.99 -6.47 -17.20
C ALA B 213 5.69 -4.97 -17.18
N GLY B 214 4.49 -4.57 -16.71
CA GLY B 214 4.07 -3.15 -16.64
C GLY B 214 4.97 -2.31 -15.74
N ALA B 215 4.63 -1.04 -15.54
CA ALA B 215 5.41 -0.11 -14.71
C ALA B 215 5.08 -0.31 -13.22
N ASP B 216 4.11 -1.17 -12.90
CA ASP B 216 3.63 -1.46 -11.51
C ASP B 216 4.46 -2.57 -10.87
N PHE B 217 5.60 -2.91 -11.48
CA PHE B 217 6.33 -4.18 -11.26
C PHE B 217 6.83 -4.25 -9.82
N GLU B 218 7.13 -3.13 -9.16
CA GLU B 218 7.84 -3.13 -7.84
C GLU B 218 6.98 -3.85 -6.79
N ALA B 219 5.66 -3.74 -6.90
CA ALA B 219 4.69 -4.40 -5.99
C ALA B 219 4.87 -5.91 -6.05
N GLY B 220 5.40 -6.43 -7.16
CA GLY B 220 5.66 -7.87 -7.35
C GLY B 220 6.97 -8.31 -6.72
N MET B 221 7.88 -7.39 -6.39
CA MET B 221 9.25 -7.75 -5.91
C MET B 221 9.20 -7.87 -4.38
N MET B 222 8.40 -8.81 -3.90
CA MET B 222 8.07 -8.88 -2.46
C MET B 222 9.25 -9.44 -1.64
N TRP B 223 10.25 -10.02 -2.28
CA TRP B 223 11.51 -10.38 -1.58
C TRP B 223 12.14 -9.13 -0.93
N ARG B 224 11.82 -7.94 -1.43
CA ARG B 224 12.31 -6.65 -0.88
C ARG B 224 11.57 -6.28 0.41
N GLU B 225 10.43 -6.91 0.70
CA GLU B 225 9.51 -6.38 1.74
C GLU B 225 9.27 -7.35 2.90
N VAL B 226 9.56 -8.63 2.75
CA VAL B 226 9.01 -9.66 3.68
C VAL B 226 9.69 -9.62 5.05
N TYR B 227 10.82 -8.92 5.21
CA TYR B 227 11.40 -8.63 6.54
C TYR B 227 10.35 -7.97 7.44
N ARG B 228 9.33 -7.34 6.85
CA ARG B 228 8.22 -6.71 7.61
C ARG B 228 7.21 -7.73 8.18
N LEU B 229 7.17 -8.98 7.69
CA LEU B 229 6.14 -9.95 8.16
C LEU B 229 6.47 -10.35 9.61
N ARG B 230 5.48 -10.24 10.50
CA ARG B 230 5.67 -10.48 11.95
C ARG B 230 5.18 -11.88 12.33
N GLN B 231 4.41 -12.54 11.48
CA GLN B 231 3.76 -13.83 11.80
C GLN B 231 4.72 -14.96 11.46
N PRO B 232 4.50 -16.16 12.01
CA PRO B 232 5.15 -17.36 11.50
C PRO B 232 4.77 -17.58 10.03
N VAL B 233 5.76 -17.96 9.24
CA VAL B 233 5.60 -18.23 7.79
C VAL B 233 6.29 -19.56 7.50
N LEU B 234 5.52 -20.50 6.97
CA LEU B 234 6.07 -21.81 6.53
C LEU B 234 6.20 -21.81 5.00
N LEU B 235 7.45 -21.73 4.55
CA LEU B 235 7.83 -21.88 3.14
C LEU B 235 7.94 -23.38 2.85
N ILE B 236 7.25 -23.83 1.82
CA ILE B 236 7.31 -25.25 1.38
C ILE B 236 7.73 -25.29 -0.07
N TRP B 237 8.74 -26.11 -0.37
CA TRP B 237 9.31 -26.20 -1.73
C TRP B 237 9.46 -27.66 -2.12
N GLY B 238 9.17 -27.94 -3.38
CA GLY B 238 9.67 -29.13 -4.07
C GLY B 238 11.11 -28.90 -4.51
N ARG B 239 12.01 -29.82 -4.17
CA ARG B 239 13.44 -29.71 -4.57
C ARG B 239 13.55 -29.55 -6.09
N GLU B 240 12.66 -30.21 -6.84
CA GLU B 240 12.71 -30.27 -8.32
C GLU B 240 11.76 -29.24 -8.97
N ASP B 241 11.37 -28.20 -8.24
CA ASP B 241 10.51 -27.13 -8.83
C ASP B 241 11.27 -26.47 -9.97
N ARG B 242 10.74 -26.56 -11.18
CA ARG B 242 11.34 -25.98 -12.41
C ARG B 242 10.65 -24.68 -12.81
N VAL B 243 9.67 -24.22 -12.04
CA VAL B 243 8.97 -22.94 -12.32
C VAL B 243 9.58 -21.86 -11.42
N ASN B 244 9.49 -22.06 -10.12
CA ASN B 244 10.05 -21.21 -9.06
C ASN B 244 11.05 -22.08 -8.31
N PRO B 245 12.30 -22.18 -8.78
CA PRO B 245 13.23 -23.15 -8.21
C PRO B 245 13.63 -22.80 -6.78
N LEU B 246 14.24 -23.79 -6.11
CA LEU B 246 14.52 -23.76 -4.67
C LEU B 246 15.41 -22.58 -4.30
N ASP B 247 16.33 -22.15 -5.16
CA ASP B 247 17.21 -20.99 -4.85
C ASP B 247 16.36 -19.73 -4.59
N GLY B 248 15.11 -19.70 -5.02
CA GLY B 248 14.18 -18.57 -4.76
C GLY B 248 13.69 -18.48 -3.33
N ALA B 249 13.93 -19.49 -2.49
CA ALA B 249 13.49 -19.52 -1.08
C ALA B 249 14.42 -18.69 -0.19
N LEU B 250 15.66 -18.43 -0.62
CA LEU B 250 16.73 -18.03 0.34
C LEU B 250 16.52 -16.63 0.91
N VAL B 251 16.14 -15.63 0.12
CA VAL B 251 15.98 -14.26 0.70
C VAL B 251 14.84 -14.29 1.73
N ALA B 252 13.72 -14.95 1.42
CA ALA B 252 12.56 -15.01 2.34
C ALA B 252 12.95 -15.75 3.62
N LEU B 253 13.66 -16.88 3.50
CA LEU B 253 14.05 -17.65 4.71
C LEU B 253 14.96 -16.80 5.61
N LYS B 254 15.86 -16.03 5.01
CA LYS B 254 16.82 -15.19 5.76
C LYS B 254 16.06 -14.06 6.45
N THR B 255 15.15 -13.40 5.76
CA THR B 255 14.68 -12.06 6.18
C THR B 255 13.37 -12.11 6.96
N ILE B 256 12.56 -13.16 6.81
CA ILE B 256 11.30 -13.28 7.60
C ILE B 256 11.66 -13.78 8.99
N PRO B 257 11.47 -12.97 10.06
CA PRO B 257 11.94 -13.37 11.38
C PRO B 257 11.49 -14.75 11.85
N ARG B 258 10.20 -15.07 11.69
CA ARG B 258 9.64 -16.36 12.20
C ARG B 258 9.43 -17.32 11.03
N ALA B 259 10.32 -17.28 10.03
CA ALA B 259 10.25 -18.23 8.89
C ALA B 259 10.60 -19.66 9.33
N GLN B 260 9.99 -20.61 8.63
CA GLN B 260 10.46 -22.01 8.53
C GLN B 260 10.48 -22.37 7.05
N LEU B 261 11.33 -23.32 6.69
CA LEU B 261 11.34 -23.89 5.33
C LEU B 261 11.22 -25.41 5.43
N HIS B 262 10.38 -25.99 4.59
CA HIS B 262 10.37 -27.45 4.37
C HIS B 262 10.57 -27.73 2.89
N VAL B 263 11.59 -28.51 2.58
CA VAL B 263 11.87 -28.96 1.20
C VAL B 263 11.61 -30.45 1.10
N PHE B 264 10.86 -30.84 0.08
CA PHE B 264 10.60 -32.26 -0.26
C PHE B 264 11.46 -32.65 -1.45
N GLY B 265 12.35 -33.61 -1.27
CA GLY B 265 12.98 -34.32 -2.40
C GLY B 265 11.93 -35.06 -3.22
N GLN B 266 12.16 -35.19 -4.52
CA GLN B 266 11.28 -35.96 -5.46
C GLN B 266 9.89 -35.30 -5.47
N CYS B 267 9.89 -34.00 -5.71
CA CYS B 267 8.69 -33.17 -5.68
C CYS B 267 8.95 -31.94 -6.55
N GLY B 268 8.03 -31.62 -7.46
CA GLY B 268 8.11 -30.41 -8.29
C GLY B 268 7.31 -29.26 -7.71
N HIS B 269 6.66 -28.52 -8.60
CA HIS B 269 6.02 -27.22 -8.30
C HIS B 269 4.64 -27.40 -7.67
N TRP B 270 4.06 -28.59 -7.72
CA TRP B 270 2.71 -28.83 -7.16
C TRP B 270 2.83 -29.63 -5.86
N VAL B 271 3.41 -29.02 -4.83
CA VAL B 271 3.65 -29.70 -3.54
C VAL B 271 2.35 -30.31 -3.03
N GLN B 272 1.25 -29.56 -3.13
CA GLN B 272 -0.05 -29.92 -2.49
C GLN B 272 -0.62 -31.18 -3.16
N VAL B 273 -0.19 -31.50 -4.40
CA VAL B 273 -0.59 -32.72 -5.14
C VAL B 273 0.47 -33.82 -4.96
N GLU B 274 1.75 -33.54 -5.21
CA GLU B 274 2.81 -34.57 -5.32
C GLU B 274 3.18 -35.12 -3.94
N LYS B 275 3.08 -34.30 -2.89
CA LYS B 275 3.31 -34.67 -1.47
C LYS B 275 2.05 -34.31 -0.66
N PHE B 276 0.87 -34.72 -1.13
CA PHE B 276 -0.40 -34.20 -0.58
C PHE B 276 -0.53 -34.55 0.91
N ASP B 277 -0.16 -35.78 1.31
CA ASP B 277 -0.31 -36.21 2.72
C ASP B 277 0.63 -35.43 3.63
N GLU B 278 1.91 -35.30 3.24
CA GLU B 278 2.91 -34.59 4.05
C GLU B 278 2.54 -33.10 4.10
N PHE B 279 2.11 -32.55 2.98
CA PHE B 279 1.68 -31.13 2.88
C PHE B 279 0.49 -30.89 3.84
N ASN B 280 -0.52 -31.75 3.74
CA ASN B 280 -1.73 -31.63 4.60
C ASN B 280 -1.31 -31.64 6.07
N LYS B 281 -0.45 -32.58 6.47
CA LYS B 281 -0.01 -32.73 7.88
C LYS B 281 0.79 -31.51 8.33
N LEU B 282 1.73 -31.01 7.51
CA LEU B 282 2.51 -29.80 7.84
C LEU B 282 1.55 -28.64 8.07
N THR B 283 0.62 -28.45 7.15
CA THR B 283 -0.32 -27.31 7.16
C THR B 283 -1.20 -27.40 8.42
N ILE B 284 -1.78 -28.56 8.69
CA ILE B 284 -2.65 -28.74 9.89
C ILE B 284 -1.85 -28.39 11.16
N GLU B 285 -0.63 -28.94 11.32
CA GLU B 285 0.17 -28.70 12.55
C GLU B 285 0.54 -27.22 12.61
N PHE B 286 0.99 -26.63 11.50
CA PHE B 286 1.56 -25.26 11.51
C PHE B 286 0.46 -24.26 11.87
N LEU B 287 -0.76 -24.50 11.40
CA LEU B 287 -1.90 -23.57 11.59
C LEU B 287 -2.61 -23.83 12.92
N GLY B 288 -2.17 -24.84 13.68
CA GLY B 288 -2.48 -24.98 15.12
C GLY B 288 -3.36 -26.19 15.41
N GLY B 289 -3.55 -27.09 14.44
CA GLY B 289 -4.30 -28.35 14.60
C GLY B 289 -5.81 -28.15 14.48
N GLY B 290 -6.28 -26.90 14.62
CA GLY B 290 -7.70 -26.50 14.49
C GLY B 290 -8.59 -27.19 15.49
#